data_3MPL
#
_entry.id   3MPL
#
_cell.length_a   48.800
_cell.length_b   101.480
_cell.length_c   53.830
_cell.angle_alpha   90.00
_cell.angle_beta   90.00
_cell.angle_gamma   90.00
#
_symmetry.space_group_name_H-M   'P 21 21 2'
#
loop_
_entity.id
_entity.type
_entity.pdbx_description
1 polymer 'Virulence sensor protein bvgS'
2 non-polymer 1,2-ETHANEDIOL
3 water water
#
_entity_poly.entity_id   1
_entity_poly.type   'polypeptide(L)'
_entity_poly.pdbx_seq_one_letter_code
;MRGSHHHHHHGSLDFAHPAYSAREQQWMADHPVVKVAVLNLFAPFTLFRTDEQFGGISAAVLQLLQLRTGLDFEIIGVDT
VEELIAKLRSGEADMAGALEVNSARESFLSFSRPYVRNGMVIVTRQDPDAPVDADHLDGRTVALVRNSAAIPLLQRRYPQ
AKVVTADNPSEAMLMVANGQADAVVETQISASYYVNRYFAGKLRIASALDLPPAEIALATTRGQTELMSILNKALYSISN
DELASIISRWRGSDGDPRTWYAYRNEI
;
_entity_poly.pdbx_strand_id   A
#
# COMPACT_ATOMS: atom_id res chain seq x y z
N HIS A 17 2.24 -20.09 -17.39
CA HIS A 17 2.34 -18.87 -18.21
C HIS A 17 3.79 -18.31 -18.36
N PRO A 18 4.38 -17.64 -17.31
CA PRO A 18 5.43 -16.68 -17.71
C PRO A 18 6.61 -17.32 -18.44
N ALA A 19 7.08 -16.63 -19.47
CA ALA A 19 8.25 -16.96 -20.31
C ALA A 19 9.52 -16.23 -19.86
N TYR A 20 10.26 -16.79 -18.91
CA TYR A 20 11.44 -16.05 -18.47
C TYR A 20 12.56 -16.14 -19.50
N SER A 21 13.37 -15.07 -19.60
CA SER A 21 14.59 -15.09 -20.47
C SER A 21 15.77 -15.87 -19.84
N ALA A 22 16.80 -16.11 -20.65
CA ALA A 22 17.92 -16.91 -20.20
C ALA A 22 18.64 -16.18 -19.04
N ARG A 23 18.78 -14.84 -19.16
CA ARG A 23 19.39 -14.00 -18.10
C ARG A 23 18.58 -14.01 -16.82
N GLU A 24 17.26 -14.02 -16.97
CA GLU A 24 16.35 -14.11 -15.80
C GLU A 24 16.49 -15.50 -15.14
N GLN A 25 16.56 -16.55 -15.97
CA GLN A 25 16.83 -17.92 -15.48
C GLN A 25 18.11 -17.98 -14.63
N GLN A 26 19.18 -17.35 -15.14
CA GLN A 26 20.46 -17.38 -14.49
C GLN A 26 20.32 -16.67 -13.12
N TRP A 27 19.67 -15.51 -13.13
CA TRP A 27 19.43 -14.72 -11.94
C TRP A 27 18.71 -15.58 -10.89
N MET A 28 17.68 -16.34 -11.30
CA MET A 28 16.98 -17.29 -10.40
C MET A 28 17.79 -18.49 -9.94
N ALA A 29 18.72 -18.96 -10.75
CA ALA A 29 19.64 -20.03 -10.34
C ALA A 29 20.59 -19.53 -9.26
N ASP A 30 21.05 -18.25 -9.41
CA ASP A 30 21.94 -17.63 -8.42
C ASP A 30 21.24 -17.07 -7.20
N HIS A 31 19.96 -16.72 -7.31
CA HIS A 31 19.21 -16.20 -6.12
C HIS A 31 17.96 -17.01 -5.81
N PRO A 32 18.10 -18.31 -5.39
CA PRO A 32 16.89 -19.11 -5.16
C PRO A 32 15.98 -18.52 -4.03
N VAL A 33 16.62 -17.77 -3.12
CA VAL A 33 15.94 -17.13 -1.95
C VAL A 33 16.04 -15.62 -2.09
N VAL A 34 14.91 -14.96 -2.18
CA VAL A 34 14.90 -13.53 -2.42
C VAL A 34 14.43 -12.84 -1.14
N LYS A 35 15.15 -11.78 -0.71
CA LYS A 35 14.75 -11.06 0.50
C LYS A 35 13.79 -9.93 0.22
N VAL A 36 12.65 -9.97 0.90
CA VAL A 36 11.56 -9.08 0.65
C VAL A 36 11.30 -8.24 1.92
N ALA A 37 11.39 -6.92 1.77
CA ALA A 37 11.13 -6.03 2.89
C ALA A 37 9.68 -5.65 2.78
N VAL A 38 9.05 -5.52 3.96
CA VAL A 38 7.64 -5.12 3.99
C VAL A 38 7.46 -4.19 5.20
N LEU A 39 6.42 -3.34 5.17
CA LEU A 39 6.05 -2.51 6.29
C LEU A 39 5.28 -3.32 7.35
N ASN A 40 5.64 -3.11 8.60
CA ASN A 40 5.11 -3.94 9.70
C ASN A 40 3.63 -3.61 9.93
N LEU A 41 3.29 -2.36 9.74
CA LEU A 41 1.94 -1.99 10.16
C LEU A 41 1.28 -1.27 8.97
N PHE A 42 1.05 -2.00 7.85
CA PHE A 42 0.48 -1.44 6.64
C PHE A 42 -0.71 -2.35 6.28
N ALA A 43 -1.46 -2.76 7.31
CA ALA A 43 -2.64 -3.62 7.14
C ALA A 43 -3.69 -2.82 6.34
N PRO A 44 -4.45 -3.48 5.44
CA PRO A 44 -4.57 -4.96 5.32
C PRO A 44 -3.58 -5.49 4.27
N PHE A 45 -2.65 -4.64 3.85
CA PHE A 45 -1.63 -5.05 2.89
C PHE A 45 -0.48 -5.96 3.44
N THR A 46 0.39 -5.39 4.30
CA THR A 46 1.39 -6.15 5.00
C THR A 46 1.22 -5.95 6.51
N LEU A 47 1.43 -7.04 7.23
CA LEU A 47 1.22 -7.09 8.67
C LEU A 47 1.85 -8.36 9.21
N PHE A 48 2.05 -8.36 10.53
CA PHE A 48 2.45 -9.57 11.23
C PHE A 48 1.42 -9.88 12.31
N ARG A 49 0.96 -11.12 12.35
CA ARG A 49 0.00 -11.60 13.37
C ARG A 49 0.53 -11.40 14.80
N GLU A 52 3.94 -14.75 15.12
CA GLU A 52 4.24 -13.56 14.29
C GLU A 52 4.41 -13.90 12.79
N GLN A 53 3.40 -14.57 12.23
CA GLN A 53 3.46 -14.89 10.81
C GLN A 53 3.12 -13.62 10.02
N PHE A 54 3.78 -13.48 8.88
CA PHE A 54 3.50 -12.43 7.92
C PHE A 54 2.07 -12.63 7.34
N GLY A 55 1.28 -11.58 7.26
CA GLY A 55 -0.08 -11.74 6.66
C GLY A 55 -0.42 -10.52 5.84
N GLY A 56 -1.66 -10.51 5.33
CA GLY A 56 -2.28 -9.40 4.63
C GLY A 56 -2.41 -9.75 3.14
N ILE A 57 -3.04 -8.86 2.39
CA ILE A 57 -3.25 -9.05 0.92
C ILE A 57 -1.92 -9.36 0.20
N SER A 58 -0.88 -8.57 0.52
CA SER A 58 0.39 -8.74 -0.16
C SER A 58 1.10 -10.04 0.20
N ALA A 59 0.85 -10.56 1.41
CA ALA A 59 1.44 -11.88 1.76
C ALA A 59 0.87 -13.03 0.82
N ALA A 60 -0.45 -13.00 0.56
CA ALA A 60 -1.09 -13.99 -0.31
C ALA A 60 -0.64 -13.77 -1.76
N VAL A 61 -0.49 -12.53 -2.20
CA VAL A 61 0.04 -12.23 -3.54
C VAL A 61 1.46 -12.81 -3.68
N LEU A 62 2.31 -12.65 -2.67
CA LEU A 62 3.70 -13.09 -2.79
C LEU A 62 3.70 -14.62 -2.85
N GLN A 63 2.75 -15.26 -2.17
CA GLN A 63 2.63 -16.72 -2.30
C GLN A 63 2.28 -17.11 -3.74
N LEU A 64 1.31 -16.41 -4.40
CA LEU A 64 1.00 -16.70 -5.82
C LEU A 64 2.23 -16.53 -6.67
N LEU A 65 3.04 -15.50 -6.36
CA LEU A 65 4.29 -15.21 -7.08
C LEU A 65 5.36 -16.31 -6.83
N GLN A 66 5.40 -16.90 -5.62
CA GLN A 66 6.29 -18.08 -5.38
C GLN A 66 6.08 -19.18 -6.40
N LEU A 67 4.82 -19.54 -6.63
CA LEU A 67 4.43 -20.52 -7.62
C LEU A 67 4.76 -20.11 -9.05
N ARG A 68 4.49 -18.86 -9.39
CA ARG A 68 4.80 -18.34 -10.72
C ARG A 68 6.33 -18.30 -11.04
N THR A 69 7.16 -18.06 -10.01
CA THR A 69 8.61 -17.86 -10.18
C THR A 69 9.48 -19.05 -9.70
N GLY A 70 8.96 -19.86 -8.78
CA GLY A 70 9.76 -20.91 -8.20
C GLY A 70 10.67 -20.34 -7.15
N LEU A 71 10.56 -19.04 -6.88
CA LEU A 71 11.45 -18.39 -5.91
C LEU A 71 10.93 -18.52 -4.45
N ASP A 72 11.85 -18.76 -3.53
CA ASP A 72 11.57 -18.68 -2.08
C ASP A 72 11.73 -17.24 -1.61
N PHE A 73 10.85 -16.78 -0.72
CA PHE A 73 10.88 -15.38 -0.27
C PHE A 73 11.21 -15.30 1.21
N GLU A 74 12.26 -14.56 1.55
CA GLU A 74 12.50 -14.30 2.95
C GLU A 74 11.99 -12.91 3.33
N ILE A 75 11.14 -12.84 4.36
CA ILE A 75 10.45 -11.60 4.69
C ILE A 75 11.19 -10.86 5.83
N ILE A 76 11.46 -9.59 5.60
CA ILE A 76 12.05 -8.69 6.58
C ILE A 76 11.04 -7.56 6.88
N GLY A 77 10.47 -7.49 8.09
CA GLY A 77 9.53 -6.40 8.41
C GLY A 77 10.22 -5.17 8.97
N VAL A 78 9.83 -3.97 8.56
CA VAL A 78 10.35 -2.72 9.14
C VAL A 78 9.18 -1.82 9.46
N ASP A 79 9.34 -0.87 10.39
CA ASP A 79 8.26 0.08 10.72
C ASP A 79 8.07 1.18 9.68
N THR A 80 9.17 1.63 9.06
CA THR A 80 9.04 2.85 8.24
C THR A 80 9.48 2.59 6.80
N VAL A 81 8.91 3.34 5.87
CA VAL A 81 9.31 3.32 4.46
C VAL A 81 10.78 3.78 4.29
N GLU A 82 11.26 4.75 5.09
CA GLU A 82 12.66 5.19 4.96
C GLU A 82 13.58 4.00 5.23
N GLU A 83 13.24 3.23 6.28
CA GLU A 83 14.03 2.01 6.56
C GLU A 83 13.93 0.98 5.44
N LEU A 84 12.72 0.74 4.97
CA LEU A 84 12.54 -0.25 3.86
C LEU A 84 13.39 0.19 2.64
N ILE A 85 13.31 1.45 2.24
CA ILE A 85 14.16 1.99 1.14
C ILE A 85 15.68 1.86 1.42
N ALA A 86 16.10 2.11 2.69
CA ALA A 86 17.54 1.96 3.04
C ALA A 86 17.96 0.51 2.89
N LYS A 87 17.06 -0.43 3.20
CA LYS A 87 17.43 -1.84 3.03
C LYS A 87 17.53 -2.24 1.53
N LEU A 88 16.73 -1.62 0.70
CA LEU A 88 16.85 -1.90 -0.74
C LEU A 88 18.21 -1.29 -1.25
N ARG A 89 18.48 -0.05 -0.82
CA ARG A 89 19.68 0.64 -1.32
C ARG A 89 20.94 -0.06 -0.88
N SER A 90 20.97 -0.60 0.34
CA SER A 90 22.15 -1.32 0.76
C SER A 90 22.25 -2.70 0.17
N GLY A 91 21.20 -3.23 -0.47
CA GLY A 91 21.20 -4.64 -0.94
C GLY A 91 20.83 -5.61 0.18
N GLU A 92 20.60 -5.16 1.41
CA GLU A 92 20.12 -6.13 2.43
C GLU A 92 18.70 -6.76 2.09
N ALA A 93 17.86 -6.05 1.34
CA ALA A 93 16.60 -6.55 0.79
C ALA A 93 16.73 -6.46 -0.71
N ASP A 94 16.14 -7.43 -1.42
CA ASP A 94 16.17 -7.42 -2.91
C ASP A 94 14.97 -6.65 -3.52
N MET A 95 13.85 -6.60 -2.78
CA MET A 95 12.60 -5.99 -3.30
C MET A 95 11.70 -5.66 -2.10
N ALA A 96 10.67 -4.85 -2.34
CA ALA A 96 9.70 -4.44 -1.31
C ALA A 96 8.45 -5.21 -1.69
N GLY A 97 7.76 -5.75 -0.69
CA GLY A 97 6.55 -6.52 -1.02
C GLY A 97 5.29 -5.73 -1.33
N ALA A 98 5.22 -4.52 -0.79
CA ALA A 98 4.07 -3.60 -1.02
C ALA A 98 4.53 -2.17 -0.78
N LEU A 99 4.43 -1.31 -1.77
CA LEU A 99 4.55 0.13 -1.56
C LEU A 99 3.53 0.83 -2.46
N GLU A 100 3.12 2.03 -2.06
CA GLU A 100 2.24 2.84 -2.88
C GLU A 100 3.11 3.54 -3.94
N VAL A 101 2.72 3.41 -5.19
CA VAL A 101 3.49 3.90 -6.30
C VAL A 101 3.52 5.43 -6.17
N ASN A 102 4.67 6.03 -6.33
CA ASN A 102 4.76 7.42 -5.93
C ASN A 102 5.84 8.05 -6.79
N SER A 103 5.41 8.99 -7.64
CA SER A 103 6.35 9.59 -8.62
C SER A 103 7.55 10.20 -7.87
N ALA A 104 7.33 10.72 -6.66
CA ALA A 104 8.43 11.30 -5.90
C ALA A 104 9.56 10.28 -5.60
N ARG A 105 9.24 8.97 -5.61
CA ARG A 105 10.23 7.88 -5.33
C ARG A 105 10.97 7.28 -6.56
N GLU A 106 10.62 7.75 -7.74
CA GLU A 106 10.99 7.06 -8.99
C GLU A 106 12.42 7.29 -9.44
N SER A 107 13.08 8.27 -8.82
CA SER A 107 14.44 8.56 -9.18
C SER A 107 15.32 7.60 -8.38
N PHE A 108 14.76 7.02 -7.31
CA PHE A 108 15.48 5.96 -6.63
C PHE A 108 14.92 4.55 -6.79
N LEU A 109 13.63 4.40 -7.02
CA LEU A 109 13.03 3.07 -7.00
C LEU A 109 12.40 2.78 -8.37
N SER A 110 12.32 1.50 -8.74
CA SER A 110 11.39 1.05 -9.80
C SER A 110 10.21 0.34 -9.09
N PHE A 111 9.02 0.52 -9.61
CA PHE A 111 7.81 -0.05 -9.14
C PHE A 111 7.39 -1.06 -10.20
N SER A 112 6.83 -2.18 -9.76
CA SER A 112 6.27 -3.16 -10.69
C SER A 112 4.92 -2.62 -11.21
N ARG A 113 4.33 -3.34 -12.16
CA ARG A 113 2.91 -3.12 -12.50
C ARG A 113 2.15 -3.29 -11.14
N PRO A 114 1.11 -2.49 -10.91
CA PRO A 114 0.37 -2.51 -9.65
C PRO A 114 -0.39 -3.84 -9.51
N TYR A 115 -0.51 -4.36 -8.30
CA TYR A 115 -1.48 -5.46 -8.15
C TYR A 115 -2.75 -5.06 -7.38
N VAL A 116 -2.76 -3.87 -6.82
CA VAL A 116 -3.99 -3.20 -6.32
C VAL A 116 -4.06 -1.78 -6.91
N ARG A 117 -5.24 -1.41 -7.42
CA ARG A 117 -5.51 -0.01 -7.78
C ARG A 117 -6.88 0.33 -7.16
N ASN A 118 -6.94 1.33 -6.29
CA ASN A 118 -8.12 1.47 -5.44
C ASN A 118 -8.37 2.96 -5.14
N GLY A 119 -9.61 3.40 -5.24
CA GLY A 119 -9.97 4.80 -4.99
C GLY A 119 -9.79 5.25 -3.53
N MET A 120 -9.71 6.55 -3.35
CA MET A 120 -9.48 7.15 -2.05
C MET A 120 -10.83 7.53 -1.46
N VAL A 121 -10.88 7.50 -0.13
CA VAL A 121 -12.09 7.95 0.52
C VAL A 121 -11.73 8.87 1.66
N ILE A 122 -12.76 9.52 2.19
CA ILE A 122 -12.71 10.29 3.42
C ILE A 122 -13.52 9.56 4.48
N VAL A 123 -12.91 9.48 5.67
CA VAL A 123 -13.45 8.81 6.85
C VAL A 123 -13.67 9.92 7.89
N THR A 124 -14.84 9.92 8.52
CA THR A 124 -15.17 10.93 9.56
C THR A 124 -15.77 10.22 10.73
N ARG A 125 -15.95 10.92 11.86
CA ARG A 125 -16.67 10.38 13.00
C ARG A 125 -18.11 10.05 12.59
N GLN A 126 -18.66 9.00 13.18
CA GLN A 126 -20.02 8.60 12.94
C GLN A 126 -20.98 9.68 13.48
N ASP A 127 -22.21 9.69 12.96
CA ASP A 127 -23.27 10.65 13.32
C ASP A 127 -24.53 9.88 12.99
N PRO A 128 -25.67 10.31 13.55
CA PRO A 128 -26.87 9.68 12.98
C PRO A 128 -27.11 10.16 11.51
N ASP A 129 -26.67 11.39 11.24
CA ASP A 129 -26.78 12.04 9.92
C ASP A 129 -25.59 11.71 9.04
N ALA A 130 -25.86 11.56 7.73
CA ALA A 130 -24.80 11.39 6.74
C ALA A 130 -24.77 12.69 5.88
N PRO A 131 -24.08 13.74 6.38
CA PRO A 131 -24.17 15.07 5.74
C PRO A 131 -23.56 15.09 4.34
N VAL A 132 -24.09 15.96 3.48
CA VAL A 132 -23.67 16.06 2.10
C VAL A 132 -22.32 16.80 1.87
N ASP A 133 -21.77 17.39 2.94
CA ASP A 133 -20.55 18.25 2.83
C ASP A 133 -19.35 17.64 3.57
N ALA A 134 -19.30 16.31 3.71
CA ALA A 134 -18.20 15.67 4.48
C ALA A 134 -16.87 15.89 3.75
N ASP A 135 -16.98 16.14 2.45
CA ASP A 135 -15.80 16.33 1.62
C ASP A 135 -15.50 17.79 1.50
N HIS A 136 -16.23 18.64 2.22
CA HIS A 136 -15.85 20.04 2.27
C HIS A 136 -14.57 20.22 3.12
N LEU A 137 -13.43 19.79 2.58
CA LEU A 137 -12.18 19.80 3.36
C LEU A 137 -11.61 21.21 3.50
N ASP A 138 -12.00 22.13 2.60
CA ASP A 138 -11.54 23.53 2.68
C ASP A 138 -11.90 24.01 4.04
N GLY A 139 -10.91 24.47 4.79
CA GLY A 139 -11.18 25.09 6.08
C GLY A 139 -11.25 24.06 7.17
N ARG A 140 -10.95 22.81 6.83
CA ARG A 140 -11.00 21.70 7.83
C ARG A 140 -9.61 21.07 8.06
N THR A 141 -9.47 20.30 9.13
CA THR A 141 -8.22 19.54 9.35
C THR A 141 -8.24 18.03 8.94
N VAL A 142 -7.43 17.69 7.93
CA VAL A 142 -7.42 16.34 7.35
C VAL A 142 -6.08 15.60 7.66
N ALA A 143 -6.17 14.43 8.30
CA ALA A 143 -5.02 13.53 8.53
C ALA A 143 -4.78 12.55 7.37
N LEU A 144 -3.50 12.38 7.05
CA LEU A 144 -3.02 11.34 6.10
C LEU A 144 -1.76 10.66 6.64
N VAL A 145 -1.40 9.49 6.08
CA VAL A 145 -0.12 8.86 6.41
C VAL A 145 1.01 9.73 5.86
N ARG A 146 2.02 9.95 6.69
CA ARG A 146 3.24 10.69 6.27
C ARG A 146 3.71 10.19 4.88
N ASN A 147 4.03 11.12 3.97
CA ASN A 147 4.53 10.81 2.60
C ASN A 147 3.48 10.28 1.64
N SER A 148 2.23 10.14 2.11
CA SER A 148 1.18 9.59 1.25
C SER A 148 1.23 10.37 -0.05
N ALA A 149 1.29 9.65 -1.18
CA ALA A 149 1.21 10.26 -2.51
C ALA A 149 -0.02 11.18 -2.68
N ALA A 150 -1.05 11.01 -1.84
CA ALA A 150 -2.30 11.76 -1.97
C ALA A 150 -2.13 13.24 -1.61
N ILE A 151 -1.23 13.51 -0.67
CA ILE A 151 -0.99 14.85 -0.09
C ILE A 151 -0.79 15.97 -1.16
N PRO A 152 0.34 15.96 -1.90
CA PRO A 152 0.40 17.10 -2.86
C PRO A 152 -0.95 17.32 -3.58
N LEU A 153 -1.49 16.25 -4.16
CA LEU A 153 -2.71 16.30 -4.97
C LEU A 153 -3.84 16.92 -4.15
N LEU A 154 -4.02 16.38 -2.95
CA LEU A 154 -5.10 16.79 -2.05
C LEU A 154 -5.10 18.30 -1.88
N GLN A 155 -3.91 18.88 -1.66
CA GLN A 155 -3.73 20.33 -1.44
C GLN A 155 -3.93 21.20 -2.67
N ARG A 156 -3.59 20.68 -3.84
CA ARG A 156 -3.95 21.32 -5.11
C ARG A 156 -5.50 21.44 -5.22
N ARG A 157 -6.23 20.35 -4.98
CA ARG A 157 -7.66 20.47 -4.65
C ARG A 157 -7.72 21.13 -3.28
N TYR A 158 -8.87 21.42 -2.73
CA TYR A 158 -8.90 21.90 -1.34
C TYR A 158 -7.71 22.79 -0.97
N PRO A 159 -7.53 23.91 -1.71
CA PRO A 159 -6.45 24.89 -1.39
C PRO A 159 -6.42 25.34 0.06
N GLN A 160 -7.56 25.36 0.73
CA GLN A 160 -7.61 25.84 2.13
C GLN A 160 -7.80 24.72 3.19
N ALA A 161 -7.74 23.46 2.76
CA ALA A 161 -7.60 22.32 3.70
C ALA A 161 -6.30 22.41 4.54
N LYS A 162 -6.40 22.13 5.84
CA LYS A 162 -5.24 21.98 6.69
C LYS A 162 -4.87 20.49 6.79
N VAL A 163 -3.75 20.09 6.14
CA VAL A 163 -3.25 18.68 6.14
C VAL A 163 -2.27 18.39 7.29
N VAL A 164 -2.59 17.41 8.13
CA VAL A 164 -1.69 16.88 9.16
C VAL A 164 -1.32 15.41 8.82
N THR A 165 -0.10 14.97 9.21
CA THR A 165 0.38 13.60 8.90
C THR A 165 0.53 12.68 10.11
N ALA A 166 0.39 11.37 9.87
CA ALA A 166 0.54 10.35 10.91
C ALA A 166 1.48 9.20 10.47
N ASP A 167 1.77 8.26 11.36
CA ASP A 167 2.82 7.24 11.15
C ASP A 167 2.37 6.06 10.29
N ASN A 168 1.13 5.64 10.47
CA ASN A 168 0.59 4.47 9.77
C ASN A 168 -0.93 4.62 9.72
N PRO A 169 -1.64 3.79 8.90
CA PRO A 169 -3.08 3.97 8.80
C PRO A 169 -3.77 4.02 10.18
N SER A 170 -3.61 3.00 11.03
CA SER A 170 -4.26 2.99 12.36
C SER A 170 -4.19 4.31 13.11
N GLU A 171 -3.01 4.95 13.14
CA GLU A 171 -2.84 6.20 13.91
C GLU A 171 -3.51 7.39 13.23
N ALA A 172 -3.54 7.38 11.90
CA ALA A 172 -4.27 8.38 11.15
C ALA A 172 -5.74 8.27 11.53
N MET A 173 -6.27 7.04 11.50
CA MET A 173 -7.66 6.79 11.86
C MET A 173 -7.93 7.23 13.30
N LEU A 174 -6.91 7.09 14.15
CA LEU A 174 -7.02 7.36 15.58
C LEU A 174 -7.17 8.84 15.89
N MET A 175 -6.43 9.68 15.17
CA MET A 175 -6.58 11.15 15.25
C MET A 175 -8.04 11.67 15.00
N VAL A 176 -8.73 11.08 14.04
CA VAL A 176 -10.09 11.47 13.76
C VAL A 176 -10.98 11.01 14.93
N ALA A 177 -10.86 9.74 15.31
CA ALA A 177 -11.62 9.21 16.45
C ALA A 177 -11.37 9.94 17.78
N ASN A 178 -10.37 10.82 17.77
CA ASN A 178 -9.84 11.51 18.93
C ASN A 178 -10.14 12.97 19.03
N GLY A 179 -10.57 13.56 17.90
CA GLY A 179 -10.93 14.96 17.85
C GLY A 179 -9.82 15.72 17.23
N GLN A 180 -8.64 15.08 17.11
CA GLN A 180 -7.44 15.74 16.57
C GLN A 180 -7.58 16.08 15.08
N ALA A 181 -8.46 15.38 14.33
CA ALA A 181 -8.77 15.86 12.94
C ALA A 181 -10.26 15.72 12.53
N ASP A 182 -10.68 16.52 11.56
CA ASP A 182 -12.06 16.43 11.03
C ASP A 182 -12.30 15.14 10.19
N ALA A 183 -11.26 14.73 9.46
CA ALA A 183 -11.36 13.70 8.45
C ALA A 183 -9.99 13.06 8.30
N VAL A 184 -10.00 11.78 7.87
CA VAL A 184 -8.78 11.10 7.37
C VAL A 184 -9.04 10.67 5.91
N VAL A 185 -8.01 10.80 5.08
CA VAL A 185 -8.00 10.31 3.69
C VAL A 185 -7.18 9.05 3.57
N GLU A 186 -7.78 8.01 2.97
CA GLU A 186 -7.16 6.68 2.88
C GLU A 186 -7.74 5.95 1.68
N THR A 187 -7.13 4.83 1.28
CA THR A 187 -7.76 3.97 0.26
C THR A 187 -9.06 3.41 0.82
N GLN A 188 -10.01 3.12 -0.07
CA GLN A 188 -11.27 2.46 0.27
C GLN A 188 -10.93 1.15 1.03
N ILE A 189 -9.94 0.40 0.54
CA ILE A 189 -9.58 -0.91 1.15
C ILE A 189 -9.10 -0.73 2.57
N SER A 190 -8.19 0.21 2.77
CA SER A 190 -7.67 0.38 4.06
C SER A 190 -8.70 1.04 5.04
N ALA A 191 -9.51 1.94 4.51
CA ALA A 191 -10.55 2.64 5.30
C ALA A 191 -11.55 1.60 5.78
N SER A 192 -12.08 0.75 4.86
CA SER A 192 -13.06 -0.32 5.21
C SER A 192 -12.49 -1.25 6.31
N TYR A 193 -11.21 -1.60 6.15
CA TYR A 193 -10.57 -2.52 7.06
C TYR A 193 -10.54 -1.91 8.43
N TYR A 194 -9.98 -0.69 8.60
CA TYR A 194 -9.83 -0.14 9.95
C TYR A 194 -11.13 0.27 10.61
N VAL A 195 -12.07 0.79 9.82
CA VAL A 195 -13.39 1.19 10.30
C VAL A 195 -14.21 -0.01 10.82
N ASN A 196 -14.46 -1.00 9.95
CA ASN A 196 -15.15 -2.22 10.34
C ASN A 196 -14.47 -3.09 11.40
N ARG A 197 -13.15 -2.96 11.58
CA ARG A 197 -12.51 -3.84 12.54
C ARG A 197 -12.01 -3.18 13.80
N TYR A 198 -11.41 -2.01 13.72
CA TYR A 198 -10.94 -1.37 14.96
C TYR A 198 -11.73 -0.15 15.39
N PHE A 199 -12.70 0.29 14.57
CA PHE A 199 -13.40 1.54 14.84
C PHE A 199 -14.89 1.50 14.49
N ALA A 200 -15.51 0.33 14.61
CA ALA A 200 -16.94 0.25 14.31
C ALA A 200 -17.66 1.11 15.36
N GLY A 201 -18.58 1.94 14.89
CA GLY A 201 -19.37 2.79 15.80
C GLY A 201 -18.68 4.09 16.12
N LYS A 202 -17.46 4.25 15.63
CA LYS A 202 -16.71 5.45 15.98
C LYS A 202 -16.36 6.25 14.75
N LEU A 203 -16.15 5.56 13.63
CA LEU A 203 -15.77 6.20 12.37
C LEU A 203 -16.58 5.56 11.24
N ARG A 204 -16.64 6.28 10.13
CA ARG A 204 -17.33 5.74 9.00
C ARG A 204 -16.76 6.33 7.72
N ILE A 205 -16.89 5.59 6.63
CA ILE A 205 -16.56 6.13 5.31
C ILE A 205 -17.71 7.06 4.92
N ALA A 206 -17.38 8.34 4.87
CA ALA A 206 -18.36 9.41 4.55
C ALA A 206 -18.54 9.61 3.04
N SER A 207 -17.45 9.67 2.27
CA SER A 207 -17.59 9.70 0.82
C SER A 207 -16.33 9.29 0.02
N ALA A 208 -16.53 9.05 -1.28
CA ALA A 208 -15.47 8.90 -2.26
C ALA A 208 -14.76 10.22 -2.49
N LEU A 209 -13.48 10.18 -2.86
CA LEU A 209 -12.75 11.38 -3.31
C LEU A 209 -12.35 11.21 -4.74
N ASP A 210 -12.33 12.34 -5.43
CA ASP A 210 -12.06 12.45 -6.83
C ASP A 210 -10.62 12.19 -7.23
N LEU A 211 -9.74 11.92 -6.27
CA LEU A 211 -8.33 11.79 -6.56
C LEU A 211 -8.06 10.57 -7.42
N PRO A 212 -6.93 10.56 -8.15
CA PRO A 212 -6.63 9.26 -8.81
C PRO A 212 -6.47 8.13 -7.74
N PRO A 213 -6.71 6.87 -8.13
CA PRO A 213 -6.59 5.77 -7.15
C PRO A 213 -5.14 5.58 -6.64
N ALA A 214 -4.97 5.10 -5.41
CA ALA A 214 -3.67 4.62 -4.97
C ALA A 214 -3.35 3.35 -5.80
N GLU A 215 -2.07 3.15 -6.11
CA GLU A 215 -1.63 1.90 -6.72
C GLU A 215 -0.63 1.21 -5.82
N ILE A 216 -0.88 -0.06 -5.48
CA ILE A 216 0.08 -0.76 -4.62
C ILE A 216 0.87 -1.72 -5.54
N ALA A 217 2.18 -1.71 -5.44
CA ALA A 217 3.07 -2.48 -6.35
C ALA A 217 4.24 -3.06 -5.55
N LEU A 218 5.01 -3.91 -6.21
CA LEU A 218 6.31 -4.28 -5.70
C LEU A 218 7.32 -3.18 -6.05
N ALA A 219 8.49 -3.20 -5.43
CA ALA A 219 9.53 -2.27 -5.81
C ALA A 219 10.91 -2.90 -5.66
N THR A 220 11.84 -2.40 -6.47
CA THR A 220 13.26 -2.70 -6.36
C THR A 220 14.00 -1.36 -6.58
N THR A 221 15.33 -1.34 -6.42
CA THR A 221 16.08 -0.19 -6.83
C THR A 221 16.06 -0.24 -8.37
N ARG A 222 16.47 0.84 -8.98
CA ARG A 222 16.51 1.01 -10.42
C ARG A 222 17.47 0.07 -11.12
N GLY A 223 18.52 -0.39 -10.46
CA GLY A 223 19.45 -1.26 -11.22
C GLY A 223 18.99 -2.72 -11.38
N GLN A 224 17.88 -3.04 -10.73
CA GLN A 224 17.51 -4.43 -10.47
C GLN A 224 16.67 -5.01 -11.66
N THR A 225 17.30 -5.03 -12.84
CA THR A 225 16.76 -5.39 -14.18
C THR A 225 15.97 -6.75 -14.25
N GLU A 226 16.68 -7.82 -13.93
CA GLU A 226 16.16 -9.20 -14.04
C GLU A 226 15.08 -9.43 -13.06
N LEU A 227 15.33 -9.10 -11.81
CA LEU A 227 14.34 -9.36 -10.81
C LEU A 227 13.05 -8.59 -11.15
N MET A 228 13.13 -7.28 -11.47
CA MET A 228 11.89 -6.56 -11.72
C MET A 228 11.17 -7.15 -12.95
N SER A 229 11.95 -7.57 -13.94
CA SER A 229 11.30 -8.16 -15.15
C SER A 229 10.63 -9.50 -14.81
N ILE A 230 11.29 -10.30 -13.98
CA ILE A 230 10.70 -11.53 -13.50
C ILE A 230 9.37 -11.22 -12.77
N LEU A 231 9.39 -10.23 -11.89
CA LEU A 231 8.21 -9.95 -11.06
C LEU A 231 7.06 -9.44 -11.92
N ASN A 232 7.36 -8.57 -12.91
CA ASN A 232 6.30 -8.10 -13.86
C ASN A 232 5.68 -9.22 -14.70
N LYS A 233 6.49 -10.11 -15.24
CA LYS A 233 5.93 -11.27 -15.95
C LYS A 233 5.11 -12.16 -15.00
N ALA A 234 5.62 -12.37 -13.76
CA ALA A 234 4.88 -13.25 -12.86
C ALA A 234 3.56 -12.57 -12.46
N LEU A 235 3.55 -11.27 -12.11
CA LEU A 235 2.28 -10.55 -11.85
C LEU A 235 1.28 -10.55 -13.03
N TYR A 236 1.80 -10.37 -14.24
CA TYR A 236 0.98 -10.32 -15.46
C TYR A 236 0.14 -11.61 -15.55
N SER A 237 0.71 -12.71 -15.09
CA SER A 237 0.03 -14.00 -15.16
C SER A 237 -0.86 -14.17 -13.93
N ILE A 238 -1.02 -13.16 -13.08
CA ILE A 238 -2.09 -13.30 -12.07
C ILE A 238 -3.34 -12.56 -12.55
N SER A 239 -4.47 -13.27 -12.68
CA SER A 239 -5.76 -12.70 -13.14
C SER A 239 -6.37 -11.79 -12.12
N ASN A 240 -7.23 -10.89 -12.57
CA ASN A 240 -7.95 -10.04 -11.70
C ASN A 240 -8.87 -10.83 -10.73
N ASP A 241 -9.49 -11.93 -11.20
CA ASP A 241 -10.30 -12.80 -10.31
C ASP A 241 -9.51 -13.38 -9.15
N GLU A 242 -8.30 -13.86 -9.42
CA GLU A 242 -7.45 -14.39 -8.30
C GLU A 242 -7.19 -13.28 -7.28
N LEU A 243 -6.87 -12.08 -7.77
CA LEU A 243 -6.60 -10.94 -6.83
C LEU A 243 -7.84 -10.55 -6.08
N ALA A 244 -8.99 -10.50 -6.77
CA ALA A 244 -10.25 -10.12 -6.09
C ALA A 244 -10.62 -11.14 -4.99
N SER A 245 -10.41 -12.43 -5.22
CA SER A 245 -10.66 -13.44 -4.16
C SER A 245 -9.85 -13.07 -2.93
N ILE A 246 -8.58 -12.76 -3.13
CA ILE A 246 -7.76 -12.36 -1.94
C ILE A 246 -8.28 -11.04 -1.37
N ILE A 247 -8.40 -9.99 -2.19
CA ILE A 247 -8.75 -8.65 -1.65
C ILE A 247 -10.13 -8.65 -0.94
N SER A 248 -11.10 -9.36 -1.50
CA SER A 248 -12.41 -9.42 -0.88
C SER A 248 -12.45 -9.98 0.61
N ARG A 249 -11.40 -10.69 1.05
CA ARG A 249 -11.38 -11.25 2.40
C ARG A 249 -10.96 -10.23 3.47
N TRP A 250 -10.55 -9.07 3.05
CA TRP A 250 -10.04 -8.08 3.98
C TRP A 250 -10.99 -6.89 4.19
N ARG A 251 -12.26 -7.07 3.82
CA ARG A 251 -13.27 -5.98 3.80
C ARG A 251 -14.07 -5.95 5.10
#